data_6YZ1
#
_entry.id   6YZ1
#
_cell.length_a   168.490
_cell.length_b   168.490
_cell.length_c   52.100
_cell.angle_alpha   90.000
_cell.angle_beta   90.000
_cell.angle_gamma   120.000
#
_symmetry.space_group_name_H-M   'P 31 2 1'
#
loop_
_entity.id
_entity.type
_entity.pdbx_description
1 polymer nsp16
2 polymer nsp10
3 non-polymer SINEFUNGIN
4 non-polymer '2-(N-MORPHOLINO)-ETHANESULFONIC ACID'
5 non-polymer 'ZINC ION'
6 water water
#
loop_
_entity_poly.entity_id
_entity_poly.type
_entity_poly.pdbx_seq_one_letter_code
_entity_poly.pdbx_strand_id
1 'polypeptide(L)'
;MSSQAWQPGVAMPNLYKMQRMLLEKCDLQNYGDSATLPKGIMMNVAKYTQLCQYLNTLTLAVPYNMRVIHFGAGSDKGVA
PGTAVLRQWLPTGTLLVDSDLNDFVSDADSTLIGDCATVHTANKWDLIISDMYDPKTKNVTKENDSKEGFFTYICGFIQQ
KLALGGSVAIKITEHSWNADLYKLMGHFAWWTAFVTNVNASSSEAFLIGCNYLGKPREQIDGYVMHANYIFWRNTNPIQL
SSYSLFDMSKFPLKLRGTAVMSLKEGQINDMILSLLSKGRLIIRENNRVVISSDVLVNN
;
A
2 'polypeptide(L)'
;MNSTVLSFCAFAVDAAKAYKDYLASGGQPITNCVKMLCTHTGTGQAITVTPEANMDQESFGGASCCLYCRCHIDHPNPKG
FCDLKGKYVQIPTTCANDPVGFTLKNTVCTVCGMWKGYGCSCD
;
B
#
loop_
_chem_comp.id
_chem_comp.type
_chem_comp.name
_chem_comp.formula
MES non-polymer '2-(N-MORPHOLINO)-ETHANESULFONIC ACID' 'C6 H13 N O4 S'
SFG non-polymer SINEFUNGIN 'C15 H23 N7 O5'
ZN non-polymer 'ZINC ION' 'Zn 2'
#
# COMPACT_ATOMS: atom_id res chain seq x y z
N SER A 2 14.90 23.47 5.45
CA SER A 2 14.05 22.36 5.02
C SER A 2 13.44 21.63 6.20
N SER A 3 12.50 22.25 6.90
CA SER A 3 11.91 21.50 7.99
C SER A 3 10.96 20.41 7.49
N GLN A 4 10.66 20.39 6.18
CA GLN A 4 9.90 19.29 5.59
C GLN A 4 10.65 17.98 5.70
N ALA A 5 11.97 18.02 5.95
CA ALA A 5 12.76 16.79 5.96
C ALA A 5 12.30 15.83 7.05
N TRP A 6 11.69 16.33 8.12
CA TRP A 6 11.24 15.49 9.22
C TRP A 6 9.81 15.02 9.05
N GLN A 7 9.11 15.46 8.00
CA GLN A 7 7.78 14.96 7.71
CA GLN A 7 7.78 14.97 7.67
C GLN A 7 7.87 13.71 6.83
N PRO A 8 6.78 12.95 6.73
CA PRO A 8 6.81 11.78 5.83
C PRO A 8 6.87 12.18 4.37
N GLY A 9 6.44 13.39 4.04
CA GLY A 9 6.49 13.87 2.68
C GLY A 9 6.02 15.30 2.62
N VAL A 10 5.74 15.77 1.40
CA VAL A 10 5.28 17.12 1.16
C VAL A 10 4.02 17.07 0.32
N ALA A 11 2.99 17.78 0.75
CA ALA A 11 1.74 17.89 0.02
C ALA A 11 1.72 19.17 -0.81
N MET A 12 0.99 19.12 -1.91
CA MET A 12 0.90 20.26 -2.81
C MET A 12 0.23 21.43 -2.11
N PRO A 13 0.92 22.56 -1.94
CA PRO A 13 0.30 23.71 -1.27
C PRO A 13 -0.92 24.22 -2.02
N ASN A 14 -1.92 24.67 -1.27
CA ASN A 14 -3.20 25.08 -1.86
C ASN A 14 -3.01 26.12 -2.95
N LEU A 15 -2.12 27.10 -2.71
CA LEU A 15 -1.95 28.18 -3.69
C LEU A 15 -1.55 27.64 -5.06
N TYR A 16 -0.75 26.57 -5.10
CA TYR A 16 -0.40 25.99 -6.38
C TYR A 16 -1.59 25.31 -7.04
N LYS A 17 -2.55 24.82 -6.25
CA LYS A 17 -3.76 24.25 -6.82
C LYS A 17 -4.59 25.31 -7.54
N MET A 18 -4.49 26.57 -7.11
CA MET A 18 -5.33 27.64 -7.61
C MET A 18 -4.75 28.33 -8.84
N GLN A 19 -3.63 27.87 -9.38
CA GLN A 19 -3.02 28.51 -10.53
C GLN A 19 -3.68 28.02 -11.81
N ARG A 20 -3.23 28.59 -12.94
CA ARG A 20 -3.67 28.17 -14.26
C ARG A 20 -2.44 28.07 -15.17
N MET A 21 -1.54 27.16 -14.82
CA MET A 21 -0.29 27.01 -15.54
C MET A 21 -0.48 26.21 -16.81
N LEU A 22 0.51 26.31 -17.70
CA LEU A 22 0.60 25.46 -18.87
C LEU A 22 1.55 24.31 -18.59
N LEU A 23 1.25 23.15 -19.17
CA LEU A 23 2.07 21.97 -18.93
C LEU A 23 3.48 22.20 -19.46
N GLU A 24 4.47 21.92 -18.61
CA GLU A 24 5.87 21.98 -18.97
C GLU A 24 6.51 20.62 -18.69
N LYS A 25 7.70 20.43 -19.25
CA LYS A 25 8.48 19.24 -18.90
C LYS A 25 8.89 19.34 -17.42
N CYS A 26 8.89 18.19 -16.75
CA CYS A 26 9.31 18.14 -15.35
C CYS A 26 10.82 17.95 -15.29
N ASP A 27 11.50 18.89 -14.65
CA ASP A 27 12.97 18.89 -14.53
C ASP A 27 13.29 19.09 -13.06
N LEU A 28 13.51 17.99 -12.35
CA LEU A 28 13.69 18.03 -10.90
C LEU A 28 15.15 18.28 -10.56
N GLN A 29 15.39 19.29 -9.71
CA GLN A 29 16.75 19.63 -9.32
C GLN A 29 17.44 18.45 -8.64
N ASN A 30 16.72 17.72 -7.79
CA ASN A 30 17.28 16.58 -7.09
C ASN A 30 17.17 15.27 -7.88
N TYR A 31 16.94 15.37 -9.19
CA TYR A 31 16.87 14.18 -10.02
C TYR A 31 18.17 13.39 -9.92
N GLY A 32 18.05 12.10 -9.62
CA GLY A 32 19.18 11.22 -9.46
C GLY A 32 19.64 11.05 -8.03
N ASP A 33 19.45 12.06 -7.19
CA ASP A 33 19.69 11.91 -5.76
C ASP A 33 18.89 10.73 -5.23
N SER A 34 19.31 10.16 -4.11
CA SER A 34 18.58 9.06 -3.50
C SER A 34 18.74 9.12 -1.99
N ALA A 35 17.63 9.06 -1.27
CA ALA A 35 17.68 8.99 0.18
C ALA A 35 18.38 7.70 0.62
N THR A 36 19.04 7.76 1.77
CA THR A 36 19.70 6.60 2.34
C THR A 36 18.70 5.86 3.22
N LEU A 37 18.26 4.70 2.76
CA LEU A 37 17.23 3.94 3.46
C LEU A 37 17.84 3.17 4.63
N PRO A 38 17.05 2.89 5.67
CA PRO A 38 17.54 2.02 6.74
C PRO A 38 18.04 0.70 6.16
N LYS A 39 18.98 0.09 6.86
CA LYS A 39 19.63 -1.11 6.36
C LYS A 39 18.60 -2.19 6.02
N GLY A 40 18.64 -2.66 4.78
CA GLY A 40 17.79 -3.75 4.35
C GLY A 40 16.34 -3.40 4.10
N ILE A 41 15.98 -2.13 4.05
CA ILE A 41 14.61 -1.69 3.81
C ILE A 41 14.46 -1.39 2.33
N MET A 42 13.41 -1.95 1.72
CA MET A 42 13.14 -1.72 0.31
C MET A 42 12.54 -0.33 0.09
N MET A 43 12.78 0.21 -1.11
CA MET A 43 12.25 1.53 -1.43
C MET A 43 10.74 1.57 -1.30
N ASN A 44 10.05 0.51 -1.70
CA ASN A 44 8.60 0.53 -1.71
C ASN A 44 8.02 0.38 -0.30
N VAL A 45 8.68 -0.37 0.58
CA VAL A 45 8.25 -0.40 1.98
C VAL A 45 8.31 1.00 2.56
N ALA A 46 9.43 1.70 2.35
CA ALA A 46 9.56 3.06 2.86
C ALA A 46 8.53 4.00 2.23
N LYS A 47 8.29 3.84 0.93
CA LYS A 47 7.34 4.72 0.24
C LYS A 47 5.93 4.54 0.79
N TYR A 48 5.47 3.28 0.89
CA TYR A 48 4.15 3.03 1.44
C TYR A 48 4.06 3.45 2.90
N THR A 49 5.16 3.29 3.64
CA THR A 49 5.17 3.70 5.05
C THR A 49 4.96 5.20 5.16
N GLN A 50 5.63 5.99 4.31
CA GLN A 50 5.47 7.43 4.39
C GLN A 50 4.10 7.85 3.87
N LEU A 51 3.58 7.17 2.85
CA LEU A 51 2.22 7.44 2.42
C LEU A 51 1.23 7.23 3.57
N CYS A 52 1.39 6.12 4.31
CA CYS A 52 0.49 5.84 5.42
C CYS A 52 0.67 6.83 6.55
N GLN A 53 1.92 7.22 6.83
CA GLN A 53 2.17 8.24 7.84
C GLN A 53 1.47 9.56 7.49
N TYR A 54 1.47 9.91 6.21
CA TYR A 54 0.76 11.11 5.80
C TYR A 54 -0.75 10.93 5.93
N LEU A 55 -1.27 9.78 5.51
CA LEU A 55 -2.69 9.53 5.63
C LEU A 55 -3.16 9.59 7.09
N ASN A 56 -2.27 9.23 8.02
CA ASN A 56 -2.61 9.34 9.44
C ASN A 56 -3.02 10.76 9.82
N THR A 57 -2.61 11.77 9.06
CA THR A 57 -2.91 13.16 9.38
C THR A 57 -4.21 13.65 8.75
N LEU A 58 -4.89 12.83 7.96
CA LEU A 58 -6.14 13.21 7.32
C LEU A 58 -7.32 12.63 8.09
N THR A 59 -8.52 13.11 7.74
CA THR A 59 -9.74 12.67 8.41
C THR A 59 -10.35 11.47 7.68
N LEU A 60 -9.58 10.38 7.67
CA LEU A 60 -10.05 9.15 7.08
C LEU A 60 -11.15 8.52 7.92
N ALA A 61 -12.20 8.06 7.25
CA ALA A 61 -13.20 7.23 7.93
C ALA A 61 -12.62 5.85 8.19
N VAL A 62 -12.69 5.40 9.43
CA VAL A 62 -12.14 4.10 9.81
C VAL A 62 -13.20 3.29 10.52
N PRO A 63 -14.15 2.70 9.79
CA PRO A 63 -15.20 1.90 10.43
C PRO A 63 -14.66 0.57 10.92
N TYR A 64 -15.46 -0.08 11.77
CA TYR A 64 -15.24 -1.50 12.05
C TYR A 64 -15.41 -2.29 10.76
N ASN A 65 -14.62 -3.35 10.62
CA ASN A 65 -14.66 -4.18 9.42
C ASN A 65 -14.40 -3.31 8.17
N MET A 66 -13.32 -2.54 8.23
CA MET A 66 -12.97 -1.65 7.14
C MET A 66 -12.63 -2.45 5.88
N ARG A 67 -12.91 -1.85 4.72
CA ARG A 67 -12.68 -2.48 3.42
C ARG A 67 -11.68 -1.64 2.63
N VAL A 68 -10.56 -2.25 2.27
CA VAL A 68 -9.48 -1.60 1.54
C VAL A 68 -9.12 -2.48 0.35
N ILE A 69 -9.00 -1.86 -0.82
CA ILE A 69 -8.58 -2.56 -2.03
C ILE A 69 -7.34 -1.88 -2.59
N HIS A 70 -6.38 -2.68 -3.06
CA HIS A 70 -5.05 -2.22 -3.42
C HIS A 70 -4.71 -2.75 -4.82
N PHE A 71 -4.76 -1.88 -5.82
CA PHE A 71 -4.42 -2.20 -7.19
C PHE A 71 -2.93 -1.94 -7.43
N GLY A 72 -2.37 -2.67 -8.40
CA GLY A 72 -0.95 -2.55 -8.68
C GLY A 72 -0.08 -2.96 -7.52
N ALA A 73 -0.45 -4.04 -6.83
CA ALA A 73 0.24 -4.44 -5.61
C ALA A 73 1.45 -5.34 -5.87
N GLY A 74 1.52 -6.00 -7.02
CA GLY A 74 2.65 -6.85 -7.32
C GLY A 74 3.88 -6.05 -7.70
N SER A 75 5.04 -6.66 -7.49
CA SER A 75 6.32 -6.07 -7.85
C SER A 75 7.06 -7.02 -8.78
N ASP A 76 8.17 -6.53 -9.35
CA ASP A 76 9.00 -7.39 -10.18
C ASP A 76 9.72 -8.45 -9.37
N LYS A 77 9.60 -8.41 -8.05
CA LYS A 77 10.19 -9.43 -7.18
C LYS A 77 9.23 -10.57 -6.87
N GLY A 78 7.98 -10.47 -7.27
CA GLY A 78 7.00 -11.50 -6.98
C GLY A 78 6.35 -11.39 -5.62
N VAL A 79 6.62 -10.33 -4.87
CA VAL A 79 6.02 -10.13 -3.55
C VAL A 79 5.24 -8.82 -3.56
N ALA A 80 4.64 -8.47 -2.43
CA ALA A 80 3.79 -7.29 -2.31
C ALA A 80 4.20 -6.47 -1.11
N PRO A 81 5.26 -5.66 -1.25
CA PRO A 81 5.70 -4.85 -0.09
C PRO A 81 4.65 -3.85 0.38
N GLY A 82 4.06 -3.10 -0.56
CA GLY A 82 3.05 -2.13 -0.19
C GLY A 82 1.88 -2.78 0.52
N THR A 83 1.50 -3.99 0.10
CA THR A 83 0.41 -4.69 0.77
C THR A 83 0.79 -5.05 2.21
N ALA A 84 2.04 -5.46 2.42
CA ALA A 84 2.50 -5.73 3.79
C ALA A 84 2.42 -4.47 4.65
N VAL A 85 2.86 -3.33 4.10
CA VAL A 85 2.79 -2.09 4.86
C VAL A 85 1.34 -1.71 5.15
N LEU A 86 0.45 -1.90 4.16
CA LEU A 86 -0.96 -1.58 4.37
C LEU A 86 -1.57 -2.45 5.46
N ARG A 87 -1.25 -3.74 5.45
CA ARG A 87 -1.76 -4.64 6.48
C ARG A 87 -1.22 -4.27 7.85
N GLN A 88 0.04 -3.85 7.91
CA GLN A 88 0.60 -3.38 9.18
C GLN A 88 -0.12 -2.13 9.66
N TRP A 89 -0.47 -1.24 8.74
CA TRP A 89 -1.04 0.07 9.07
C TRP A 89 -2.51 -0.04 9.44
N LEU A 90 -3.27 -0.86 8.72
CA LEU A 90 -4.71 -0.94 8.92
C LEU A 90 -5.05 -1.71 10.20
N PRO A 91 -6.18 -1.41 10.82
CA PRO A 91 -6.56 -2.12 12.04
C PRO A 91 -6.70 -3.60 11.80
N THR A 92 -6.38 -4.39 12.83
CA THR A 92 -6.55 -5.83 12.75
C THR A 92 -8.00 -6.17 12.46
N GLY A 93 -8.20 -7.11 11.53
CA GLY A 93 -9.53 -7.45 11.07
C GLY A 93 -9.99 -6.70 9.84
N THR A 94 -9.18 -5.76 9.35
CA THR A 94 -9.53 -5.06 8.11
C THR A 94 -9.46 -6.03 6.93
N LEU A 95 -10.50 -6.02 6.11
CA LEU A 95 -10.50 -6.81 4.89
C LEU A 95 -9.65 -6.09 3.85
N LEU A 96 -8.57 -6.73 3.42
CA LEU A 96 -7.63 -6.16 2.45
C LEU A 96 -7.59 -7.05 1.23
N VAL A 97 -7.99 -6.51 0.09
CA VAL A 97 -7.90 -7.19 -1.20
C VAL A 97 -6.92 -6.42 -2.07
N ASP A 98 -6.02 -7.15 -2.74
CA ASP A 98 -5.06 -6.54 -3.65
C ASP A 98 -5.12 -7.26 -4.99
N SER A 99 -4.52 -6.63 -6.00
CA SER A 99 -4.60 -7.14 -7.36
C SER A 99 -3.41 -6.59 -8.14
N ASP A 100 -3.12 -7.26 -9.26
CA ASP A 100 -2.03 -6.84 -10.14
C ASP A 100 -2.14 -7.63 -11.43
N LEU A 101 -1.55 -7.07 -12.50
CA LEU A 101 -1.56 -7.75 -13.79
C LEU A 101 -0.81 -9.07 -13.73
N ASN A 102 0.31 -9.12 -13.00
CA ASN A 102 1.15 -10.29 -12.94
C ASN A 102 1.04 -10.97 -11.59
N ASP A 103 1.36 -12.27 -11.57
CA ASP A 103 1.24 -13.06 -10.36
C ASP A 103 2.23 -12.58 -9.30
N PHE A 104 1.82 -12.67 -8.04
CA PHE A 104 2.67 -12.28 -6.93
C PHE A 104 2.14 -12.93 -5.65
N VAL A 105 3.03 -13.00 -4.66
CA VAL A 105 2.71 -13.55 -3.34
C VAL A 105 2.33 -12.39 -2.42
N SER A 106 1.18 -12.52 -1.74
CA SER A 106 0.61 -11.40 -1.01
C SER A 106 0.18 -11.82 0.40
N ASP A 107 0.20 -10.86 1.31
CA ASP A 107 -0.37 -11.01 2.64
C ASP A 107 -1.82 -10.55 2.71
N ALA A 108 -2.43 -10.22 1.57
CA ALA A 108 -3.80 -9.75 1.55
C ALA A 108 -4.77 -10.90 1.83
N ASP A 109 -5.98 -10.53 2.27
CA ASP A 109 -7.01 -11.53 2.50
C ASP A 109 -7.38 -12.24 1.21
N SER A 110 -7.26 -11.57 0.07
CA SER A 110 -7.51 -12.21 -1.23
C SER A 110 -6.82 -11.39 -2.32
N THR A 111 -6.36 -12.10 -3.34
CA THR A 111 -5.58 -11.52 -4.41
C THR A 111 -6.15 -11.93 -5.76
N LEU A 112 -6.35 -10.96 -6.64
CA LEU A 112 -6.82 -11.21 -8.00
C LEU A 112 -5.72 -10.84 -8.99
N ILE A 113 -5.40 -11.75 -9.90
CA ILE A 113 -4.38 -11.54 -10.92
C ILE A 113 -5.05 -11.30 -12.25
N GLY A 114 -4.55 -10.33 -13.00
CA GLY A 114 -5.11 -9.93 -14.27
C GLY A 114 -5.28 -8.43 -14.37
N ASP A 115 -5.62 -8.00 -15.58
CA ASP A 115 -5.79 -6.58 -15.84
C ASP A 115 -6.88 -5.99 -14.95
N CYS A 116 -6.60 -4.82 -14.37
CA CYS A 116 -7.55 -4.12 -13.52
C CYS A 116 -8.95 -4.14 -14.10
N ALA A 117 -9.07 -4.06 -15.43
CA ALA A 117 -10.38 -3.96 -16.07
C ALA A 117 -11.22 -5.22 -15.87
N THR A 118 -10.59 -6.35 -15.56
CA THR A 118 -11.33 -7.60 -15.36
C THR A 118 -11.82 -7.78 -13.94
N VAL A 119 -11.47 -6.88 -13.02
CA VAL A 119 -11.82 -7.01 -11.62
C VAL A 119 -13.20 -6.42 -11.39
N HIS A 120 -14.07 -7.20 -10.74
CA HIS A 120 -15.38 -6.74 -10.33
C HIS A 120 -15.60 -7.09 -8.87
N THR A 121 -16.35 -6.23 -8.17
CA THR A 121 -16.68 -6.46 -6.78
C THR A 121 -18.15 -6.12 -6.56
N ALA A 122 -18.82 -6.91 -5.72
CA ALA A 122 -20.21 -6.63 -5.42
C ALA A 122 -20.35 -5.43 -4.49
N ASN A 123 -19.45 -5.30 -3.52
CA ASN A 123 -19.56 -4.30 -2.47
C ASN A 123 -18.79 -3.04 -2.82
N LYS A 124 -18.97 -2.02 -1.98
CA LYS A 124 -18.20 -0.79 -2.05
C LYS A 124 -17.07 -0.84 -1.02
N TRP A 125 -16.14 0.10 -1.14
CA TRP A 125 -14.90 0.07 -0.37
C TRP A 125 -14.71 1.36 0.39
N ASP A 126 -14.05 1.25 1.54
CA ASP A 126 -13.72 2.43 2.34
C ASP A 126 -12.42 3.09 1.91
N LEU A 127 -11.47 2.32 1.38
CA LEU A 127 -10.21 2.92 0.96
C LEU A 127 -9.69 2.23 -0.29
N ILE A 128 -9.31 3.03 -1.29
CA ILE A 128 -8.74 2.53 -2.53
C ILE A 128 -7.31 3.04 -2.66
N ILE A 129 -6.37 2.13 -2.80
CA ILE A 129 -4.97 2.47 -3.07
C ILE A 129 -4.60 1.89 -4.42
N SER A 130 -3.91 2.68 -5.25
CA SER A 130 -3.42 2.20 -6.52
C SER A 130 -1.99 2.66 -6.71
N ASP A 131 -1.09 1.69 -6.96
CA ASP A 131 0.27 1.97 -7.38
C ASP A 131 0.52 1.52 -8.82
N MET A 132 -0.56 1.29 -9.57
CA MET A 132 -0.44 0.83 -10.95
C MET A 132 0.37 1.83 -11.77
N TYR A 133 1.28 1.31 -12.59
CA TYR A 133 2.17 2.16 -13.36
C TYR A 133 2.70 1.37 -14.55
N ASP A 134 2.69 2.02 -15.71
CA ASP A 134 3.24 1.43 -16.94
C ASP A 134 4.44 2.24 -17.38
N PRO A 135 5.67 1.73 -17.25
CA PRO A 135 6.84 2.55 -17.56
C PRO A 135 6.94 2.94 -19.02
N LYS A 136 6.14 2.34 -19.91
CA LYS A 136 6.13 2.74 -21.30
C LYS A 136 5.49 4.11 -21.52
N THR A 137 4.89 4.71 -20.47
CA THR A 137 4.28 6.02 -20.61
C THR A 137 5.31 7.13 -20.65
N LYS A 138 6.47 6.94 -20.01
CA LYS A 138 7.50 7.97 -19.91
C LYS A 138 8.25 8.06 -21.25
N ASN A 139 7.64 8.77 -22.19
CA ASN A 139 8.24 9.04 -23.49
C ASN A 139 8.40 10.54 -23.65
N VAL A 140 9.65 11.00 -23.70
CA VAL A 140 9.94 12.44 -23.68
C VAL A 140 9.99 13.01 -25.09
N THR A 141 9.66 12.19 -26.09
CA THR A 141 9.69 12.61 -27.47
C THR A 141 8.30 12.82 -28.07
N LYS A 142 7.25 12.68 -27.27
CA LYS A 142 5.88 12.93 -27.70
C LYS A 142 5.20 13.84 -26.67
N GLU A 143 4.11 14.46 -27.11
CA GLU A 143 3.31 15.27 -26.19
C GLU A 143 2.94 14.44 -24.96
N ASN A 144 2.89 15.10 -23.80
CA ASN A 144 2.47 14.44 -22.56
C ASN A 144 0.99 14.71 -22.37
N ASP A 145 0.16 13.82 -22.92
CA ASP A 145 -1.28 13.95 -22.86
C ASP A 145 -1.88 13.01 -21.83
N SER A 146 -3.12 13.30 -21.43
CA SER A 146 -3.80 12.49 -20.43
C SER A 146 -3.90 11.05 -20.89
N LYS A 147 -3.58 10.12 -19.99
CA LYS A 147 -3.51 8.71 -20.31
C LYS A 147 -4.81 8.00 -19.96
N GLU A 148 -5.13 6.96 -20.72
CA GLU A 148 -6.29 6.13 -20.42
C GLU A 148 -5.83 4.85 -19.72
N GLY A 149 -6.09 3.70 -20.33
CA GLY A 149 -5.71 2.45 -19.69
C GLY A 149 -6.34 2.32 -18.32
N PHE A 150 -5.57 1.79 -17.36
CA PHE A 150 -6.12 1.52 -16.04
C PHE A 150 -6.77 2.76 -15.43
N PHE A 151 -6.23 3.95 -15.73
CA PHE A 151 -6.82 5.18 -15.21
C PHE A 151 -8.32 5.20 -15.47
N THR A 152 -8.73 4.97 -16.72
CA THR A 152 -10.15 4.88 -17.01
C THR A 152 -10.84 4.01 -15.97
N TYR A 153 -10.44 2.74 -15.89
CA TYR A 153 -11.01 1.84 -14.90
C TYR A 153 -11.10 2.52 -13.55
N ILE A 154 -9.95 3.02 -13.05
CA ILE A 154 -9.92 3.59 -11.71
C ILE A 154 -11.05 4.58 -11.54
N CYS A 155 -11.15 5.53 -12.47
CA CYS A 155 -12.20 6.53 -12.37
C CYS A 155 -13.55 5.86 -12.19
N GLY A 156 -13.93 5.01 -13.15
CA GLY A 156 -15.16 4.26 -13.01
C GLY A 156 -15.30 3.62 -11.65
N PHE A 157 -14.27 2.88 -11.25
CA PHE A 157 -14.33 2.20 -9.96
C PHE A 157 -14.69 3.18 -8.86
N ILE A 158 -13.97 4.30 -8.78
CA ILE A 158 -14.21 5.26 -7.72
C ILE A 158 -15.66 5.68 -7.70
N GLN A 159 -16.24 5.95 -8.88
CA GLN A 159 -17.60 6.45 -8.93
C GLN A 159 -18.62 5.36 -8.65
N GLN A 160 -18.27 4.09 -8.87
CA GLN A 160 -19.23 3.00 -8.72
C GLN A 160 -19.06 2.23 -7.42
N LYS A 161 -17.84 2.15 -6.88
CA LYS A 161 -17.56 1.20 -5.81
C LYS A 161 -16.87 1.82 -4.59
N LEU A 162 -16.76 3.14 -4.53
CA LEU A 162 -16.20 3.82 -3.36
C LEU A 162 -17.35 4.34 -2.51
N ALA A 163 -17.39 3.91 -1.25
CA ALA A 163 -18.43 4.38 -0.34
C ALA A 163 -18.30 5.87 -0.11
N LEU A 164 -19.44 6.53 0.06
CA LEU A 164 -19.44 7.94 0.43
C LEU A 164 -18.68 8.10 1.75
N GLY A 165 -17.78 9.08 1.78
CA GLY A 165 -16.88 9.24 2.91
C GLY A 165 -15.59 8.45 2.81
N GLY A 166 -15.45 7.60 1.80
CA GLY A 166 -14.23 6.86 1.58
C GLY A 166 -13.13 7.73 1.01
N SER A 167 -11.94 7.14 0.90
CA SER A 167 -10.76 7.88 0.46
C SER A 167 -9.95 7.04 -0.53
N VAL A 168 -9.12 7.75 -1.29
CA VAL A 168 -8.31 7.13 -2.33
C VAL A 168 -6.92 7.75 -2.36
N ALA A 169 -5.94 6.92 -2.73
CA ALA A 169 -4.58 7.36 -3.02
C ALA A 169 -4.14 6.66 -4.31
N ILE A 170 -4.04 7.43 -5.39
CA ILE A 170 -3.72 6.91 -6.72
C ILE A 170 -2.38 7.46 -7.16
N LYS A 171 -1.46 6.57 -7.53
CA LYS A 171 -0.13 7.01 -7.92
C LYS A 171 -0.13 7.57 -9.33
N ILE A 172 0.59 8.69 -9.50
CA ILE A 172 0.78 9.34 -10.78
C ILE A 172 2.24 9.76 -10.89
N THR A 173 2.65 10.11 -12.11
CA THR A 173 3.97 10.68 -12.36
C THR A 173 3.78 11.82 -13.35
N GLU A 174 4.90 12.33 -13.87
CA GLU A 174 4.81 13.36 -14.90
C GLU A 174 4.00 12.86 -16.09
N HIS A 175 4.26 11.63 -16.53
CA HIS A 175 3.63 11.09 -17.73
C HIS A 175 2.49 10.12 -17.44
N SER A 176 2.45 9.52 -16.25
CA SER A 176 1.39 8.60 -15.86
C SER A 176 0.35 9.39 -15.06
N TRP A 177 -0.64 9.92 -15.78
CA TRP A 177 -1.66 10.76 -15.16
C TRP A 177 -2.91 10.74 -16.03
N ASN A 178 -3.99 11.32 -15.51
CA ASN A 178 -5.28 11.32 -16.19
C ASN A 178 -6.08 12.54 -15.75
N ALA A 179 -6.63 13.26 -16.71
CA ALA A 179 -7.35 14.50 -16.41
C ALA A 179 -8.63 14.22 -15.63
N ASP A 180 -9.33 13.14 -15.96
CA ASP A 180 -10.58 12.83 -15.28
C ASP A 180 -10.36 12.46 -13.82
N LEU A 181 -9.19 11.90 -13.48
CA LEU A 181 -8.90 11.62 -12.08
C LEU A 181 -8.74 12.91 -11.29
N TYR A 182 -8.00 13.88 -11.84
CA TYR A 182 -7.94 15.21 -11.24
C TYR A 182 -9.33 15.79 -11.06
N LYS A 183 -10.15 15.70 -12.11
CA LYS A 183 -11.52 16.19 -12.03
C LYS A 183 -12.29 15.50 -10.90
N LEU A 184 -12.13 14.19 -10.76
CA LEU A 184 -12.78 13.45 -9.69
C LEU A 184 -12.33 13.93 -8.32
N MET A 185 -11.08 14.34 -8.20
CA MET A 185 -10.59 14.89 -6.93
C MET A 185 -11.54 15.97 -6.40
N GLY A 186 -12.20 16.71 -7.28
CA GLY A 186 -13.17 17.70 -6.87
C GLY A 186 -14.45 17.14 -6.30
N HIS A 187 -14.63 15.82 -6.31
CA HIS A 187 -15.80 15.18 -5.74
C HIS A 187 -15.56 14.71 -4.30
N PHE A 188 -14.40 15.02 -3.74
CA PHE A 188 -14.09 14.73 -2.34
C PHE A 188 -14.16 16.02 -1.52
N ALA A 189 -14.31 15.83 -0.21
CA ALA A 189 -14.25 16.98 0.68
C ALA A 189 -12.89 17.68 0.60
N TRP A 190 -11.82 16.91 0.38
CA TRP A 190 -10.50 17.51 0.25
C TRP A 190 -9.65 16.66 -0.67
N TRP A 191 -8.58 17.27 -1.19
CA TRP A 191 -7.70 16.53 -2.09
C TRP A 191 -6.31 17.16 -2.07
N THR A 192 -5.33 16.37 -2.49
CA THR A 192 -3.97 16.88 -2.63
C THR A 192 -3.15 15.93 -3.49
N ALA A 193 -1.91 16.35 -3.77
CA ALA A 193 -0.90 15.50 -4.39
C ALA A 193 0.26 15.42 -3.42
N PHE A 194 0.53 14.21 -2.92
CA PHE A 194 1.51 14.00 -1.86
C PHE A 194 2.75 13.32 -2.43
N VAL A 195 3.92 13.87 -2.14
CA VAL A 195 5.20 13.32 -2.57
C VAL A 195 5.92 12.78 -1.34
N THR A 196 6.22 11.49 -1.34
CA THR A 196 6.97 10.91 -0.23
C THR A 196 8.40 11.45 -0.23
N ASN A 197 8.98 11.56 0.96
CA ASN A 197 10.31 12.13 1.09
C ASN A 197 11.40 11.18 0.61
N VAL A 198 11.15 9.87 0.65
CA VAL A 198 12.14 8.92 0.16
C VAL A 198 12.23 8.92 -1.35
N ASN A 199 11.17 9.34 -2.04
CA ASN A 199 11.13 9.34 -3.49
C ASN A 199 11.00 10.74 -4.08
N ALA A 200 11.46 11.76 -3.33
CA ALA A 200 11.29 13.14 -3.78
C ALA A 200 12.04 13.44 -5.06
N SER A 201 13.04 12.63 -5.41
CA SER A 201 13.78 12.83 -6.65
C SER A 201 12.96 12.45 -7.89
N SER A 202 11.79 11.86 -7.70
CA SER A 202 10.94 11.42 -8.80
C SER A 202 9.73 12.34 -8.93
N SER A 203 9.20 12.41 -10.15
CA SER A 203 7.97 13.14 -10.39
C SER A 203 6.75 12.41 -9.84
N GLU A 204 6.95 11.25 -9.22
CA GLU A 204 5.84 10.49 -8.67
C GLU A 204 5.14 11.28 -7.56
N ALA A 205 3.84 11.05 -7.45
CA ALA A 205 3.04 11.60 -6.37
C ALA A 205 1.82 10.71 -6.21
N PHE A 206 1.15 10.85 -5.08
CA PHE A 206 -0.11 10.15 -4.81
C PHE A 206 -1.21 11.21 -4.79
N LEU A 207 -2.09 11.14 -5.79
CA LEU A 207 -3.34 11.91 -5.78
C LEU A 207 -4.22 11.34 -4.68
N ILE A 208 -4.42 12.12 -3.63
CA ILE A 208 -5.18 11.70 -2.46
C ILE A 208 -6.51 12.45 -2.47
N GLY A 209 -7.60 11.68 -2.50
CA GLY A 209 -8.93 12.22 -2.32
C GLY A 209 -9.47 11.79 -0.98
N CYS A 210 -9.83 12.76 -0.12
CA CYS A 210 -10.23 12.52 1.25
C CYS A 210 -11.71 12.84 1.42
N ASN A 211 -12.49 11.80 1.72
CA ASN A 211 -13.90 11.87 2.07
C ASN A 211 -14.77 12.09 0.82
N TYR A 212 -15.11 10.99 0.16
CA TYR A 212 -15.85 11.03 -1.09
C TYR A 212 -17.28 11.51 -0.85
N LEU A 213 -17.73 12.47 -1.68
CA LEU A 213 -19.07 13.03 -1.57
C LEU A 213 -20.03 12.57 -2.66
N GLY A 214 -19.54 11.86 -3.68
CA GLY A 214 -20.40 11.37 -4.73
C GLY A 214 -20.87 12.39 -5.74
N LYS A 215 -20.53 13.67 -5.56
CA LYS A 215 -20.89 14.72 -6.48
C LYS A 215 -19.79 15.77 -6.47
N PRO A 216 -19.68 16.58 -7.52
CA PRO A 216 -18.66 17.64 -7.53
C PRO A 216 -19.04 18.76 -6.57
N ARG A 217 -18.17 19.02 -5.59
CA ARG A 217 -18.24 20.23 -4.81
C ARG A 217 -17.38 21.34 -5.39
N GLU A 218 -16.53 21.00 -6.38
CA GLU A 218 -15.58 21.94 -6.96
C GLU A 218 -15.27 21.44 -8.37
N GLN A 219 -15.26 22.37 -9.33
CA GLN A 219 -15.01 22.03 -10.72
C GLN A 219 -13.52 22.18 -11.02
N ILE A 220 -12.87 21.06 -11.34
CA ILE A 220 -11.43 21.02 -11.54
C ILE A 220 -11.15 20.65 -12.98
N ASP A 221 -10.33 21.46 -13.65
CA ASP A 221 -9.82 21.15 -14.99
C ASP A 221 -8.57 20.29 -14.82
N GLY A 222 -8.66 19.04 -15.28
CA GLY A 222 -7.58 18.10 -15.01
C GLY A 222 -6.27 18.46 -15.69
N TYR A 223 -6.33 18.90 -16.95
CA TYR A 223 -5.12 19.29 -17.65
C TYR A 223 -4.42 20.44 -16.93
N VAL A 224 -5.19 21.48 -16.58
CA VAL A 224 -4.62 22.61 -15.86
C VAL A 224 -4.07 22.18 -14.51
N MET A 225 -4.76 21.26 -13.83
CA MET A 225 -4.32 20.86 -12.50
C MET A 225 -3.03 20.06 -12.57
N HIS A 226 -2.89 19.19 -13.57
CA HIS A 226 -1.63 18.48 -13.73
C HIS A 226 -0.50 19.43 -14.09
N ALA A 227 -0.78 20.43 -14.94
CA ALA A 227 0.23 21.44 -15.21
C ALA A 227 0.63 22.18 -13.93
N ASN A 228 -0.35 22.48 -13.07
CA ASN A 228 -0.05 23.11 -11.79
C ASN A 228 0.84 22.23 -10.93
N TYR A 229 0.55 20.94 -10.89
CA TYR A 229 1.38 20.02 -10.11
C TYR A 229 2.81 20.00 -10.64
N ILE A 230 2.96 19.95 -11.97
CA ILE A 230 4.30 19.94 -12.55
C ILE A 230 5.03 21.24 -12.23
N PHE A 231 4.30 22.36 -12.26
CA PHE A 231 4.92 23.65 -11.92
C PHE A 231 5.41 23.64 -10.47
N TRP A 232 4.55 23.19 -9.56
CA TRP A 232 4.95 23.08 -8.16
C TRP A 232 6.23 22.26 -8.01
N ARG A 233 6.24 21.06 -8.59
CA ARG A 233 7.42 20.21 -8.48
C ARG A 233 8.64 20.87 -9.11
N ASN A 234 8.46 21.60 -10.21
CA ASN A 234 9.58 22.21 -10.90
C ASN A 234 10.20 23.35 -10.11
N THR A 235 9.39 24.06 -9.32
CA THR A 235 9.89 25.24 -8.61
C THR A 235 10.10 25.00 -7.12
N ASN A 236 9.87 23.79 -6.62
CA ASN A 236 10.00 23.49 -5.18
C ASN A 236 10.80 22.21 -5.01
N PRO A 237 12.13 22.29 -5.04
CA PRO A 237 12.94 21.09 -4.79
C PRO A 237 12.67 20.54 -3.38
N ILE A 238 12.42 19.24 -3.32
CA ILE A 238 12.13 18.57 -2.07
C ILE A 238 13.35 17.78 -1.64
N GLN A 239 13.84 18.04 -0.44
CA GLN A 239 15.03 17.38 0.07
C GLN A 239 14.72 15.91 0.36
N LEU A 240 15.43 15.01 -0.31
CA LEU A 240 15.30 13.60 -0.03
C LEU A 240 15.54 13.33 1.45
N SER A 241 14.66 12.54 2.06
CA SER A 241 14.76 12.31 3.49
C SER A 241 14.09 10.99 3.86
N SER A 242 14.75 10.24 4.72
CA SER A 242 14.19 9.02 5.31
C SER A 242 13.94 9.16 6.79
N TYR A 243 14.02 10.39 7.33
CA TYR A 243 13.90 10.58 8.77
CA TYR A 243 13.90 10.58 8.78
C TYR A 243 12.64 9.93 9.33
N SER A 244 11.48 10.26 8.75
CA SER A 244 10.21 9.79 9.31
C SER A 244 10.15 8.27 9.45
N LEU A 245 10.98 7.53 8.72
CA LEU A 245 10.95 6.07 8.80
C LEU A 245 11.40 5.56 10.16
N PHE A 246 12.12 6.36 10.94
CA PHE A 246 12.76 5.86 12.14
C PHE A 246 11.89 5.95 13.39
N ASP A 247 10.69 6.53 13.31
CA ASP A 247 9.77 6.62 14.44
C ASP A 247 8.44 6.01 14.01
N MET A 248 8.22 4.75 14.35
CA MET A 248 6.99 4.03 14.02
C MET A 248 6.07 3.89 15.22
N SER A 249 6.31 4.63 16.30
CA SER A 249 5.55 4.44 17.53
C SER A 249 4.08 4.82 17.35
N LYS A 250 3.78 5.74 16.43
CA LYS A 250 2.42 6.19 16.19
C LYS A 250 1.92 5.81 14.80
N PHE A 251 2.45 4.71 14.26
CA PHE A 251 2.15 4.37 12.86
C PHE A 251 0.73 3.87 12.66
N PRO A 252 0.21 2.94 13.48
CA PRO A 252 -1.07 2.31 13.14
C PRO A 252 -2.19 3.32 12.96
N LEU A 253 -3.02 3.08 11.95
CA LEU A 253 -4.22 3.88 11.74
C LEU A 253 -5.14 3.74 12.95
N LYS A 254 -5.50 4.87 13.54
CA LYS A 254 -6.36 4.86 14.72
C LYS A 254 -7.75 4.35 14.35
N LEU A 255 -8.16 3.26 14.99
CA LEU A 255 -9.51 2.75 14.78
C LEU A 255 -10.51 3.74 15.38
N ARG A 256 -11.35 4.32 14.52
CA ARG A 256 -12.30 5.35 14.93
C ARG A 256 -13.72 4.82 15.06
N GLY A 257 -13.97 3.57 14.68
CA GLY A 257 -15.32 3.03 14.75
C GLY A 257 -16.34 3.83 13.98
N THR A 258 -15.91 4.49 12.91
CA THR A 258 -16.80 5.37 12.15
C THR A 258 -18.09 4.65 11.78
N ALA A 259 -19.21 5.37 11.92
CA ALA A 259 -20.51 4.79 11.65
C ALA A 259 -20.66 4.48 10.16
N VAL A 260 -21.38 3.39 9.88
CA VAL A 260 -21.69 2.97 8.52
C VAL A 260 -23.20 2.91 8.38
N MET A 261 -23.74 3.70 7.46
CA MET A 261 -25.17 3.79 7.23
C MET A 261 -25.51 3.40 5.80
N SER A 262 -26.64 2.72 5.64
CA SER A 262 -27.23 2.51 4.33
C SER A 262 -28.19 3.66 4.04
N LEU A 263 -28.01 4.30 2.89
CA LEU A 263 -28.82 5.45 2.53
C LEU A 263 -29.04 5.52 1.03
N LYS A 264 -30.23 5.92 0.65
CA LYS A 264 -30.57 6.22 -0.73
C LYS A 264 -30.12 7.65 -1.02
N GLU A 265 -29.87 7.93 -2.30
CA GLU A 265 -29.28 9.22 -2.65
C GLU A 265 -30.20 10.36 -2.26
N GLY A 266 -31.52 10.15 -2.30
CA GLY A 266 -32.44 11.18 -1.84
C GLY A 266 -32.22 11.57 -0.38
N GLN A 267 -31.68 10.65 0.42
CA GLN A 267 -31.50 10.89 1.85
C GLN A 267 -30.23 11.64 2.18
N ILE A 268 -29.31 11.81 1.23
CA ILE A 268 -28.06 12.49 1.51
C ILE A 268 -28.28 14.00 1.56
N ASN A 269 -28.76 14.48 2.71
CA ASN A 269 -29.00 15.91 2.90
C ASN A 269 -27.66 16.59 3.19
N ASP A 270 -27.73 17.86 3.63
CA ASP A 270 -26.51 18.61 3.90
C ASP A 270 -25.90 18.24 5.24
N MET A 271 -26.71 17.82 6.21
CA MET A 271 -26.16 17.28 7.45
C MET A 271 -25.33 16.04 7.18
N ILE A 272 -25.86 15.13 6.36
CA ILE A 272 -25.14 13.92 5.99
C ILE A 272 -23.86 14.29 5.25
N LEU A 273 -23.94 15.26 4.33
CA LEU A 273 -22.76 15.65 3.56
C LEU A 273 -21.69 16.25 4.48
N SER A 274 -22.11 17.01 5.49
CA SER A 274 -21.14 17.58 6.42
C SER A 274 -20.48 16.48 7.26
N LEU A 275 -21.27 15.50 7.70
CA LEU A 275 -20.67 14.38 8.43
C LEU A 275 -19.68 13.62 7.54
N LEU A 276 -20.02 13.45 6.26
CA LEU A 276 -19.10 12.82 5.33
C LEU A 276 -17.81 13.62 5.22
N SER A 277 -17.93 14.94 5.12
CA SER A 277 -16.76 15.79 4.90
C SER A 277 -15.82 15.83 6.10
N LYS A 278 -16.26 15.40 7.27
CA LYS A 278 -15.43 15.40 8.47
C LYS A 278 -14.90 14.02 8.84
N GLY A 279 -15.05 13.04 7.95
CA GLY A 279 -14.59 11.70 8.23
C GLY A 279 -15.37 10.99 9.33
N ARG A 280 -16.61 11.39 9.57
CA ARG A 280 -17.41 10.83 10.65
C ARG A 280 -18.53 9.91 10.16
N LEU A 281 -18.56 9.59 8.87
CA LEU A 281 -19.65 8.78 8.35
C LEU A 281 -19.21 8.08 7.07
N ILE A 282 -19.57 6.81 6.96
CA ILE A 282 -19.43 6.02 5.73
C ILE A 282 -20.82 5.58 5.32
N ILE A 283 -21.10 5.63 4.02
CA ILE A 283 -22.41 5.27 3.49
C ILE A 283 -22.21 4.16 2.47
N ARG A 284 -22.71 2.97 2.80
CA ARG A 284 -22.62 1.79 1.94
C ARG A 284 -23.35 0.66 2.65
N GLU A 285 -23.51 -0.45 1.95
CA GLU A 285 -24.06 -1.65 2.58
C GLU A 285 -22.99 -2.33 3.42
N ASN A 286 -23.41 -3.35 4.16
CA ASN A 286 -22.48 -4.12 4.98
C ASN A 286 -22.66 -5.63 4.76
N ASN A 287 -23.07 -6.00 3.54
CA ASN A 287 -23.21 -7.41 3.21
C ASN A 287 -21.82 -8.05 3.10
N ARG A 288 -21.77 -9.28 2.60
CA ARG A 288 -20.49 -9.96 2.43
C ARG A 288 -19.71 -9.35 1.28
N VAL A 289 -18.39 -9.43 1.38
CA VAL A 289 -17.51 -8.92 0.35
C VAL A 289 -17.27 -10.02 -0.67
N VAL A 290 -17.68 -9.78 -1.92
CA VAL A 290 -17.56 -10.75 -3.00
C VAL A 290 -16.84 -10.08 -4.16
N ILE A 291 -15.84 -10.77 -4.71
CA ILE A 291 -15.01 -10.24 -5.80
C ILE A 291 -14.81 -11.32 -6.85
N SER A 292 -14.41 -10.89 -8.03
CA SER A 292 -14.15 -11.84 -9.12
C SER A 292 -13.28 -11.17 -10.17
N SER A 293 -12.64 -12.01 -10.98
CA SER A 293 -11.81 -11.59 -12.10
C SER A 293 -12.33 -12.26 -13.36
N ASP A 294 -12.69 -11.45 -14.35
CA ASP A 294 -13.17 -11.99 -15.61
C ASP A 294 -12.05 -12.75 -16.32
N VAL A 295 -12.36 -13.96 -16.78
CA VAL A 295 -11.42 -14.80 -17.50
C VAL A 295 -11.90 -14.90 -18.94
N LEU A 296 -11.07 -14.47 -19.89
CA LEU A 296 -11.37 -14.60 -21.30
C LEU A 296 -10.90 -15.96 -21.80
N VAL A 297 -11.79 -16.69 -22.46
CA VAL A 297 -11.53 -18.04 -22.93
C VAL A 297 -11.27 -18.01 -24.43
N ASN A 298 -10.23 -18.73 -24.87
CA ASN A 298 -9.93 -18.83 -26.29
C ASN A 298 -8.92 -19.95 -26.54
N ALA B 10 1.95 -42.06 -3.96
CA ALA B 10 2.99 -42.11 -2.95
C ALA B 10 4.03 -41.02 -3.16
N PHE B 11 4.17 -40.59 -4.41
CA PHE B 11 5.17 -39.58 -4.75
C PHE B 11 4.71 -38.19 -4.30
N ALA B 12 5.62 -37.46 -3.65
CA ALA B 12 5.39 -36.08 -3.29
C ALA B 12 6.73 -35.35 -3.32
N VAL B 13 6.69 -34.09 -3.72
CA VAL B 13 7.89 -33.28 -3.75
C VAL B 13 8.18 -32.76 -2.34
N ASP B 14 9.43 -32.89 -1.90
CA ASP B 14 9.86 -32.43 -0.59
C ASP B 14 10.68 -31.16 -0.78
N ALA B 15 9.98 -30.03 -0.91
CA ALA B 15 10.66 -28.77 -1.13
C ALA B 15 11.47 -28.33 0.08
N ALA B 16 11.02 -28.68 1.29
CA ALA B 16 11.77 -28.32 2.49
C ALA B 16 13.17 -28.92 2.45
N LYS B 17 13.27 -30.23 2.26
CA LYS B 17 14.57 -30.88 2.19
C LYS B 17 15.38 -30.38 0.99
N ALA B 18 14.72 -30.09 -0.13
CA ALA B 18 15.43 -29.58 -1.29
C ALA B 18 16.10 -28.25 -0.97
N TYR B 19 15.38 -27.34 -0.32
CA TYR B 19 15.96 -26.06 0.03
C TYR B 19 17.05 -26.19 1.09
N LYS B 20 16.85 -27.09 2.06
CA LYS B 20 17.89 -27.32 3.06
C LYS B 20 19.17 -27.82 2.41
N ASP B 21 19.06 -28.83 1.54
CA ASP B 21 20.22 -29.34 0.83
C ASP B 21 20.86 -28.27 -0.05
N TYR B 22 20.03 -27.46 -0.71
CA TYR B 22 20.54 -26.37 -1.53
C TYR B 22 21.37 -25.40 -0.69
N LEU B 23 20.89 -25.08 0.51
CA LEU B 23 21.66 -24.23 1.42
C LEU B 23 22.98 -24.90 1.79
N ALA B 24 22.93 -26.16 2.21
CA ALA B 24 24.16 -26.88 2.55
C ALA B 24 25.14 -26.86 1.39
N SER B 25 24.64 -27.00 0.16
CA SER B 25 25.46 -26.94 -1.03
C SER B 25 26.06 -25.56 -1.28
N GLY B 26 25.92 -24.63 -0.35
CA GLY B 26 26.42 -23.28 -0.55
C GLY B 26 25.58 -22.44 -1.48
N GLY B 27 24.26 -22.56 -1.41
CA GLY B 27 23.38 -21.85 -2.31
C GLY B 27 22.93 -20.51 -1.77
N GLN B 28 22.66 -19.59 -2.70
CA GLN B 28 22.14 -18.28 -2.36
C GLN B 28 20.77 -18.41 -1.68
N PRO B 29 20.60 -17.92 -0.45
CA PRO B 29 19.29 -18.00 0.19
C PRO B 29 18.26 -17.16 -0.55
N ILE B 30 17.00 -17.57 -0.44
CA ILE B 30 15.92 -16.82 -1.06
C ILE B 30 15.95 -15.38 -0.57
N THR B 31 15.79 -14.45 -1.49
CA THR B 31 15.90 -13.02 -1.19
C THR B 31 14.55 -12.34 -1.36
N ASN B 32 14.56 -11.02 -1.12
CA ASN B 32 13.40 -10.17 -1.32
C ASN B 32 12.25 -10.49 -0.36
N CYS B 33 12.56 -11.08 0.80
CA CYS B 33 11.59 -11.12 1.88
C CYS B 33 11.38 -9.70 2.38
N VAL B 34 10.12 -9.36 2.66
CA VAL B 34 9.71 -7.97 2.88
C VAL B 34 9.95 -7.62 4.34
N LYS B 35 11.02 -6.89 4.61
CA LYS B 35 11.31 -6.43 5.97
C LYS B 35 10.50 -5.17 6.27
N MET B 36 9.89 -5.13 7.45
CA MET B 36 9.03 -4.03 7.85
C MET B 36 9.79 -3.04 8.72
N LEU B 37 9.33 -1.79 8.69
CA LEU B 37 9.78 -0.80 9.65
C LEU B 37 8.95 -0.93 10.93
N CYS B 38 9.63 -0.86 12.07
CA CYS B 38 8.97 -1.12 13.34
C CYS B 38 9.77 -0.46 14.46
N THR B 39 9.17 -0.43 15.65
CA THR B 39 9.84 0.16 16.79
C THR B 39 10.98 -0.71 17.31
N HIS B 40 10.85 -2.03 17.13
CA HIS B 40 11.82 -3.00 17.66
C HIS B 40 11.76 -3.06 19.19
N THR B 41 10.60 -2.73 19.74
CA THR B 41 10.30 -2.89 21.16
C THR B 41 9.05 -3.74 21.35
N GLY B 42 8.89 -4.75 20.48
CA GLY B 42 7.73 -5.62 20.52
C GLY B 42 7.93 -6.84 21.37
N THR B 43 6.90 -7.69 21.39
CA THR B 43 6.88 -8.86 22.26
C THR B 43 7.92 -9.91 21.88
N GLY B 44 8.53 -9.81 20.71
CA GLY B 44 9.50 -10.81 20.29
C GLY B 44 8.92 -12.14 19.89
N GLN B 45 7.60 -12.29 19.90
CA GLN B 45 6.98 -13.56 19.52
C GLN B 45 7.26 -13.86 18.05
N ALA B 46 7.12 -15.14 17.70
CA ALA B 46 7.55 -15.60 16.38
C ALA B 46 6.63 -15.09 15.27
N ILE B 47 5.34 -15.38 15.37
CA ILE B 47 4.37 -15.06 14.33
C ILE B 47 3.25 -14.25 14.97
N THR B 48 3.03 -13.04 14.46
CA THR B 48 2.13 -12.08 15.08
C THR B 48 1.27 -11.41 14.03
N VAL B 49 0.23 -10.72 14.51
CA VAL B 49 -0.67 -10.01 13.61
C VAL B 49 -0.10 -8.68 13.13
N THR B 50 0.85 -8.11 13.86
CA THR B 50 1.59 -6.94 13.45
C THR B 50 3.05 -7.14 13.81
N PRO B 51 3.97 -6.40 13.18
CA PRO B 51 5.38 -6.54 13.52
C PRO B 51 5.61 -6.43 15.02
N GLU B 52 6.33 -7.42 15.57
CA GLU B 52 6.58 -7.49 17.01
C GLU B 52 8.06 -7.64 17.32
N ALA B 53 8.93 -7.35 16.36
CA ALA B 53 10.37 -7.50 16.57
C ALA B 53 10.81 -6.75 17.82
N ASN B 54 11.71 -7.35 18.57
CA ASN B 54 12.35 -6.70 19.71
C ASN B 54 13.70 -6.14 19.27
N MET B 55 14.52 -5.75 20.24
CA MET B 55 15.83 -5.19 19.93
CA MET B 55 15.82 -5.18 19.90
C MET B 55 16.71 -6.15 19.15
N ASP B 56 16.43 -7.45 19.20
CA ASP B 56 17.26 -8.46 18.57
C ASP B 56 16.62 -9.07 17.33
N GLN B 57 15.54 -8.50 16.82
CA GLN B 57 14.78 -9.13 15.75
C GLN B 57 14.44 -8.14 14.64
N GLU B 58 14.19 -8.69 13.46
CA GLU B 58 13.57 -7.99 12.36
C GLU B 58 12.20 -8.63 12.10
N SER B 59 11.24 -7.85 11.66
CA SER B 59 9.91 -8.36 11.32
C SER B 59 9.72 -8.33 9.81
N PHE B 60 9.31 -9.47 9.25
CA PHE B 60 9.05 -9.58 7.83
C PHE B 60 7.59 -9.92 7.59
N GLY B 61 7.07 -9.48 6.45
CA GLY B 61 5.76 -9.92 6.01
C GLY B 61 5.75 -11.42 5.82
N GLY B 62 4.77 -12.09 6.43
CA GLY B 62 4.73 -13.53 6.45
C GLY B 62 4.87 -14.20 5.10
N ALA B 63 4.00 -13.85 4.15
CA ALA B 63 3.98 -14.53 2.86
C ALA B 63 5.36 -14.56 2.21
N SER B 64 6.11 -13.45 2.35
CA SER B 64 7.38 -13.33 1.65
C SER B 64 8.48 -14.24 2.21
N CYS B 65 8.25 -14.90 3.35
CA CYS B 65 9.24 -15.78 3.94
C CYS B 65 8.77 -17.23 4.05
N CYS B 66 7.65 -17.59 3.43
CA CYS B 66 7.15 -18.95 3.42
C CYS B 66 7.60 -19.62 2.13
N LEU B 67 8.39 -20.70 2.27
CA LEU B 67 8.94 -21.37 1.09
C LEU B 67 7.84 -21.79 0.12
N TYR B 68 6.70 -22.25 0.64
CA TYR B 68 5.64 -22.74 -0.22
C TYR B 68 4.98 -21.61 -1.00
N CYS B 69 4.67 -20.50 -0.31
CA CYS B 69 4.17 -19.33 -1.01
C CYS B 69 5.17 -18.86 -2.07
N ARG B 70 6.45 -18.77 -1.68
CA ARG B 70 7.45 -18.17 -2.57
C ARG B 70 7.68 -19.02 -3.82
N CYS B 71 7.68 -20.34 -3.69
CA CYS B 71 7.97 -21.20 -4.83
C CYS B 71 6.72 -21.69 -5.56
N HIS B 72 5.52 -21.29 -5.10
CA HIS B 72 4.28 -21.62 -5.79
C HIS B 72 3.98 -23.11 -5.75
N ILE B 73 4.11 -23.71 -4.57
CA ILE B 73 3.85 -25.13 -4.38
C ILE B 73 2.87 -25.29 -3.22
N ASP B 74 2.27 -26.47 -3.15
CA ASP B 74 1.25 -26.73 -2.15
C ASP B 74 1.85 -26.75 -0.75
N HIS B 75 1.09 -26.23 0.21
CA HIS B 75 1.56 -26.19 1.58
C HIS B 75 1.51 -27.58 2.20
N PRO B 76 2.54 -27.98 2.95
CA PRO B 76 2.66 -29.37 3.43
C PRO B 76 1.74 -29.71 4.59
N ASN B 77 0.46 -29.86 4.27
CA ASN B 77 -0.53 -30.32 5.24
C ASN B 77 -1.85 -30.50 4.51
N PRO B 78 -2.80 -31.23 5.10
CA PRO B 78 -4.04 -31.54 4.38
C PRO B 78 -4.86 -30.31 4.02
N LYS B 79 -4.85 -29.28 4.86
CA LYS B 79 -5.65 -28.09 4.59
C LYS B 79 -5.03 -27.19 3.54
N GLY B 80 -3.74 -27.36 3.23
CA GLY B 80 -3.04 -26.37 2.44
C GLY B 80 -2.90 -25.04 3.13
N PHE B 81 -3.27 -24.96 4.41
CA PHE B 81 -3.25 -23.71 5.15
C PHE B 81 -1.81 -23.21 5.31
N CYS B 82 -1.66 -21.88 5.28
CA CYS B 82 -0.38 -21.23 5.49
C CYS B 82 -0.45 -20.42 6.77
N ASP B 83 0.49 -20.67 7.69
CA ASP B 83 0.49 -19.99 8.97
C ASP B 83 1.31 -18.71 8.97
N LEU B 84 1.95 -18.37 7.85
CA LEU B 84 2.72 -17.13 7.73
C LEU B 84 1.98 -16.07 6.92
N LYS B 85 1.29 -16.46 5.87
CA LYS B 85 0.60 -15.51 5.00
C LYS B 85 -0.39 -14.67 5.80
N GLY B 86 -0.34 -13.35 5.60
CA GLY B 86 -1.19 -12.44 6.31
C GLY B 86 -0.75 -12.09 7.71
N LYS B 87 0.40 -12.60 8.15
CA LYS B 87 0.95 -12.31 9.47
C LYS B 87 2.34 -11.72 9.30
N TYR B 88 3.03 -11.52 10.43
CA TYR B 88 4.39 -11.01 10.43
C TYR B 88 5.26 -11.94 11.27
N VAL B 89 6.41 -12.29 10.72
CA VAL B 89 7.33 -13.25 11.33
C VAL B 89 8.54 -12.51 11.84
N GLN B 90 8.90 -12.76 13.10
CA GLN B 90 10.08 -12.18 13.71
C GLN B 90 11.26 -13.12 13.52
N ILE B 91 12.36 -12.57 13.02
CA ILE B 91 13.57 -13.33 12.70
C ILE B 91 14.70 -12.74 13.51
N PRO B 92 15.48 -13.55 14.23
CA PRO B 92 16.69 -13.01 14.87
C PRO B 92 17.57 -12.31 13.86
N THR B 93 18.08 -11.13 14.24
CA THR B 93 18.90 -10.34 13.33
C THR B 93 20.08 -11.14 12.81
N THR B 94 20.58 -12.09 13.60
CA THR B 94 21.71 -12.91 13.20
C THR B 94 21.39 -13.82 12.01
N CYS B 95 20.11 -14.09 11.76
CA CYS B 95 19.70 -15.00 10.70
C CYS B 95 18.83 -14.32 9.65
N ALA B 96 18.64 -13.01 9.75
CA ALA B 96 17.74 -12.29 8.85
C ALA B 96 18.20 -12.33 7.39
N ASN B 97 19.38 -12.89 7.09
CA ASN B 97 19.81 -13.07 5.71
C ASN B 97 19.11 -14.24 5.03
N ASP B 98 18.42 -15.09 5.78
CA ASP B 98 17.71 -16.25 5.23
C ASP B 98 16.45 -16.49 6.03
N PRO B 99 15.46 -15.60 5.91
CA PRO B 99 14.22 -15.79 6.68
C PRO B 99 13.46 -17.05 6.30
N VAL B 100 13.41 -17.38 5.01
CA VAL B 100 12.76 -18.61 4.58
C VAL B 100 13.38 -19.81 5.28
N GLY B 101 14.71 -19.93 5.18
CA GLY B 101 15.39 -21.04 5.85
C GLY B 101 15.14 -21.07 7.34
N PHE B 102 15.13 -19.89 7.98
CA PHE B 102 14.92 -19.85 9.42
C PHE B 102 13.55 -20.39 9.78
N THR B 103 12.49 -19.82 9.18
CA THR B 103 11.14 -20.30 9.47
C THR B 103 11.01 -21.79 9.16
N LEU B 104 11.70 -22.25 8.11
CA LEU B 104 11.61 -23.66 7.75
C LEU B 104 12.26 -24.56 8.80
N LYS B 105 13.41 -24.15 9.32
CA LYS B 105 14.22 -24.99 10.19
C LYS B 105 13.82 -24.94 11.66
N ASN B 106 12.97 -23.98 12.06
CA ASN B 106 12.71 -23.74 13.47
C ASN B 106 11.23 -23.95 13.78
N THR B 107 10.93 -23.95 15.08
CA THR B 107 9.60 -24.29 15.58
C THR B 107 9.16 -23.26 16.61
N VAL B 108 7.85 -23.01 16.65
CA VAL B 108 7.25 -22.05 17.57
C VAL B 108 6.70 -22.80 18.77
N CYS B 109 7.01 -22.31 19.97
CA CYS B 109 6.47 -22.89 21.18
C CYS B 109 4.99 -22.58 21.29
N THR B 110 4.16 -23.62 21.42
CA THR B 110 2.72 -23.46 21.43
C THR B 110 2.17 -22.91 22.74
N VAL B 111 3.01 -22.63 23.73
CA VAL B 111 2.55 -22.06 24.98
C VAL B 111 2.91 -20.58 25.11
N CYS B 112 4.16 -20.23 24.85
CA CYS B 112 4.58 -18.83 24.96
C CYS B 112 4.69 -18.11 23.62
N GLY B 113 4.77 -18.84 22.51
CA GLY B 113 4.77 -18.22 21.19
C GLY B 113 6.12 -17.74 20.70
N MET B 114 7.19 -17.99 21.44
CA MET B 114 8.53 -17.62 20.99
C MET B 114 9.15 -18.77 20.20
N TRP B 115 10.18 -18.43 19.42
CA TRP B 115 10.93 -19.46 18.71
C TRP B 115 11.66 -20.35 19.71
N LYS B 116 11.49 -21.66 19.56
CA LYS B 116 12.23 -22.59 20.41
C LYS B 116 13.73 -22.44 20.17
N GLY B 117 14.47 -22.11 21.21
CA GLY B 117 15.88 -21.84 21.08
C GLY B 117 16.22 -20.44 20.61
N TYR B 118 15.23 -19.54 20.53
CA TYR B 118 15.46 -18.18 20.09
C TYR B 118 14.49 -17.25 20.81
N GLY B 119 14.37 -17.40 22.12
CA GLY B 119 13.50 -16.55 22.90
C GLY B 119 12.55 -17.32 23.81
N CYS B 120 12.43 -18.63 23.60
CA CYS B 120 11.56 -19.45 24.43
C CYS B 120 12.30 -19.87 25.69
N SER B 121 11.76 -19.48 26.85
CA SER B 121 12.35 -19.82 28.14
C SER B 121 11.54 -20.86 28.89
N CYS B 122 10.74 -21.65 28.18
CA CYS B 122 9.93 -22.69 28.81
C CYS B 122 10.77 -23.92 29.12
N SFG C . 3.18 -1.80 -5.66
CA SFG C . 4.39 -2.52 -6.09
C SFG C . 5.33 -2.62 -4.92
O SFG C . 4.86 -2.51 -3.77
OXT SFG C . 6.55 -2.83 -5.13
CB SFG C . 5.05 -1.79 -7.27
CG SFG C . 4.01 -1.54 -8.38
CD SFG C . 4.62 -1.66 -9.77
NE SFG C . 5.81 -0.79 -9.84
C5' SFG C . 3.67 -1.26 -10.90
C4' SFG C . 2.63 -2.37 -11.09
O4' SFG C . 1.45 -1.90 -11.78
C3' SFG C . 3.08 -3.61 -11.88
O3' SFG C . 3.26 -4.72 -11.00
C2' SFG C . 1.98 -3.93 -12.88
O2' SFG C . 1.57 -5.30 -12.80
C1' SFG C . 0.83 -2.98 -12.50
N9 SFG C . -0.04 -2.58 -13.64
C8 SFG C . 0.25 -1.81 -14.69
N7 SFG C . -0.85 -1.74 -15.47
C5 SFG C . -1.82 -2.49 -14.89
C6 SFG C . -3.14 -2.78 -15.23
N6 SFG C . -3.68 -2.29 -16.37
N1 SFG C . -3.86 -3.59 -14.43
C2 SFG C . -3.34 -4.10 -13.30
N3 SFG C . -2.08 -3.82 -12.95
C4 SFG C . -1.30 -3.02 -13.74
HN1 SFG C . 2.62 -2.39 -5.02
HN2 SFG C . 3.45 -0.93 -5.18
HA SFG C . 4.16 -3.53 -6.45
HB1 SFG C . 5.87 -2.39 -7.66
HB2 SFG C . 5.46 -0.83 -6.93
HG1 SFG C . 3.59 -0.55 -8.25
HG2 SFG C . 3.20 -2.27 -8.27
HD SFG C . 4.85 -2.73 -9.91
HNE1 SFG C . 6.65 -1.29 -9.52
HNE2 SFG C . 5.66 0.04 -9.24
H5'1 SFG C . 4.23 -1.10 -11.82
H5'2 SFG C . 3.17 -0.32 -10.64
H4' SFG C . 2.44 -2.66 -10.05
H3' SFG C . 4.04 -3.42 -12.37
HO3' SFG C . 3.95 -4.52 -10.35
H2' SFG C . 2.30 -3.78 -13.92
HO2' SFG C . 2.35 -5.87 -12.88
H1' SFG C . 0.10 -3.48 -11.85
H8 SFG C . 1.19 -1.31 -14.87
HN61 SFG C . -4.65 -2.51 -16.60
HN62 SFG C . -3.16 -1.69 -16.97
H2 SFG C . -3.94 -4.74 -12.67
O1 MES D . -8.00 16.15 6.46
C2 MES D . -8.66 17.11 5.64
C3 MES D . -7.65 18.14 5.15
N4 MES D . -7.02 18.79 6.31
C5 MES D . -6.33 17.77 7.11
C6 MES D . -7.36 16.75 7.59
C7 MES D . -6.06 19.80 5.84
C8 MES D . -6.82 20.89 5.09
S MES D . -5.85 22.22 4.86
O1S MES D . -6.70 23.42 4.71
O2S MES D . -4.93 22.39 6.00
O3S MES D . -5.06 22.03 3.61
ZN ZN E . 2.82 -19.99 2.66
ZN ZN F . 7.94 -21.51 25.21
#